data_1Z7Y
#
_entry.id   1Z7Y
#
_cell.length_a   105.856
_cell.length_b   105.856
_cell.length_c   100.159
_cell.angle_alpha   90
_cell.angle_beta   90
_cell.angle_gamma   90
#
_symmetry.space_group_name_H-M   'P 43 21 2'
#
loop_
_entity.id
_entity.type
_entity.pdbx_description
1 polymer 'Cysteine synthase'
2 non-polymer N-[(3-HYDROXY-2-METHYL-5-{[(TRIHYDROXYPHOSPHORANYL)OXY]METHYL}PYRIDIN-4-YL)METHYLENE]METHIONINE
3 water water
#
_entity_poly.entity_id   1
_entity_poly.type   'polypeptide(L)'
_entity_poly.pdbx_seq_one_letter_code
;MASRIAKDVTELIGNTPLVYLNNVAEGCVGRVAAKLEMMEPCSSVADRIGFSMISDAEKKGLIKPGESVLIEPTSGNTGV
GLAFTAAAKGYKLIITMPASMSTERRIILLAFGVELVLTDPAKGMKGAIAKAEEILAKTPNGYMLQQFENPANPKIHYET
TGPEIWKGTGGKIDGFVSGIGTGGTITGAGKYLKEQNANVKLYGVEPVESAILSGGKPGPHKIQGIGAGFIPSVLNVDLI
DEVVQVSSDESIDMARQLALKEGLLVGISSGAAAAAAIKLAQRPENAGKLFVAIFPSFGERYLSTVLFDATRKEAEAMTF
EA
;
_entity_poly.pdbx_strand_id   A
#
# COMPACT_ATOMS: atom_id res chain seq x y z
N SER A 3 -24.79 -16.41 0.51
CA SER A 3 -24.22 -15.34 -0.37
C SER A 3 -25.25 -14.22 -0.53
N ARG A 4 -24.83 -12.98 -0.30
CA ARG A 4 -25.75 -11.85 -0.42
C ARG A 4 -25.11 -10.64 -1.12
N ILE A 5 -25.96 -9.67 -1.45
CA ILE A 5 -25.54 -8.47 -2.15
C ILE A 5 -25.06 -7.41 -1.16
N ALA A 6 -23.93 -6.78 -1.47
CA ALA A 6 -23.39 -5.75 -0.60
C ALA A 6 -24.16 -4.46 -0.75
N LYS A 7 -24.40 -3.79 0.37
CA LYS A 7 -25.15 -2.55 0.34
C LYS A 7 -24.47 -1.57 -0.59
N ASP A 8 -23.16 -1.65 -0.66
CA ASP A 8 -22.44 -0.72 -1.50
C ASP A 8 -20.97 -1.08 -1.62
N VAL A 9 -20.29 -0.39 -2.52
CA VAL A 9 -18.88 -0.66 -2.75
C VAL A 9 -18.04 -0.81 -1.49
N THR A 10 -18.44 -0.20 -0.38
CA THR A 10 -17.60 -0.33 0.81
C THR A 10 -17.66 -1.67 1.56
N GLU A 11 -18.70 -2.45 1.35
CA GLU A 11 -18.80 -3.76 2.01
C GLU A 11 -17.90 -4.74 1.26
N LEU A 12 -17.41 -4.28 0.11
CA LEU A 12 -16.53 -5.08 -0.72
C LEU A 12 -15.07 -4.96 -0.32
N ILE A 13 -14.76 -4.04 0.59
CA ILE A 13 -13.36 -3.86 1.01
C ILE A 13 -12.89 -5.02 1.88
N GLY A 14 -11.62 -5.39 1.75
CA GLY A 14 -11.06 -6.49 2.53
C GLY A 14 -11.35 -7.88 1.98
N ASN A 15 -11.01 -8.90 2.77
CA ASN A 15 -11.23 -10.30 2.40
C ASN A 15 -10.53 -10.64 1.10
N THR A 16 -9.29 -10.19 0.96
CA THR A 16 -8.49 -10.45 -0.24
C THR A 16 -7.92 -11.86 -0.18
N PRO A 17 -7.63 -12.45 -1.35
CA PRO A 17 -7.10 -13.81 -1.53
C PRO A 17 -5.61 -14.06 -1.24
N LEU A 18 -5.26 -15.34 -1.12
CA LEU A 18 -3.91 -15.79 -0.85
C LEU A 18 -3.46 -16.81 -1.91
N VAL A 19 -2.46 -16.45 -2.70
CA VAL A 19 -1.93 -17.33 -3.74
C VAL A 19 -0.45 -17.57 -3.52
N TYR A 20 -0.02 -18.80 -3.75
CA TYR A 20 1.38 -19.14 -3.59
C TYR A 20 2.17 -18.61 -4.76
N LEU A 21 3.49 -18.55 -4.57
CA LEU A 21 4.41 -18.12 -5.60
C LEU A 21 5.10 -19.41 -6.02
N ASN A 22 4.99 -19.75 -7.29
CA ASN A 22 5.56 -20.99 -7.81
C ASN A 22 6.92 -20.88 -8.50
N ASN A 23 6.91 -20.48 -9.78
CA ASN A 23 8.15 -20.37 -10.54
C ASN A 23 9.19 -19.35 -10.06
N VAL A 24 8.75 -18.30 -9.37
CA VAL A 24 9.70 -17.28 -8.90
C VAL A 24 10.41 -17.67 -7.59
N ALA A 25 9.73 -18.46 -6.77
CA ALA A 25 10.27 -18.90 -5.49
C ALA A 25 11.27 -20.04 -5.65
N GLU A 26 11.70 -20.25 -6.87
CA GLU A 26 12.66 -21.30 -7.18
C GLU A 26 13.79 -21.38 -6.14
N GLY A 27 14.02 -22.57 -5.62
CA GLY A 27 15.10 -22.75 -4.66
C GLY A 27 14.82 -22.43 -3.21
N CYS A 28 13.57 -22.10 -2.87
CA CYS A 28 13.25 -21.80 -1.49
C CYS A 28 13.01 -23.10 -0.72
N VAL A 29 13.34 -23.09 0.56
CA VAL A 29 13.12 -24.26 1.39
C VAL A 29 11.81 -23.97 2.10
N GLY A 30 11.41 -22.70 2.05
CA GLY A 30 10.16 -22.27 2.66
C GLY A 30 9.15 -21.97 1.56
N ARG A 31 7.93 -21.59 1.93
CA ARG A 31 6.91 -21.28 0.94
C ARG A 31 6.57 -19.82 1.06
N VAL A 32 5.97 -19.23 0.03
CA VAL A 32 5.58 -17.82 0.08
C VAL A 32 4.18 -17.56 -0.46
N ALA A 33 3.27 -17.17 0.43
CA ALA A 33 1.91 -16.88 0.00
C ALA A 33 1.76 -15.36 -0.20
N ALA A 34 1.14 -14.98 -1.30
CA ALA A 34 0.95 -13.57 -1.62
C ALA A 34 -0.44 -13.08 -1.23
N LYS A 35 -0.50 -12.05 -0.39
CA LYS A 35 -1.79 -11.48 0.01
C LYS A 35 -2.06 -10.47 -1.09
N LEU A 36 -3.03 -10.76 -1.93
CA LEU A 36 -3.31 -9.89 -3.04
C LEU A 36 -4.26 -8.75 -2.75
N GLU A 37 -3.71 -7.57 -2.45
CA GLU A 37 -4.54 -6.42 -2.18
C GLU A 37 -4.98 -5.83 -3.51
N MET A 38 -4.35 -6.29 -4.58
CA MET A 38 -4.71 -5.82 -5.92
C MET A 38 -6.19 -6.15 -6.15
N MET A 39 -6.68 -7.17 -5.44
CA MET A 39 -8.07 -7.59 -5.58
C MET A 39 -9.05 -6.68 -4.84
N GLU A 40 -8.51 -5.76 -4.05
CA GLU A 40 -9.36 -4.81 -3.34
C GLU A 40 -10.20 -4.12 -4.42
N PRO A 41 -11.37 -3.58 -4.07
CA PRO A 41 -12.25 -2.91 -5.04
C PRO A 41 -11.55 -1.94 -6.00
N CYS A 42 -10.60 -1.17 -5.48
CA CYS A 42 -9.85 -0.27 -6.35
C CYS A 42 -8.41 -0.69 -6.41
N SER A 43 -8.24 -2.00 -6.47
CA SER A 43 -6.95 -2.65 -6.60
C SER A 43 -5.76 -2.09 -5.81
N SER A 44 -5.98 -1.82 -4.52
CA SER A 44 -4.92 -1.31 -3.65
C SER A 44 -5.25 -1.59 -2.19
N VAL A 45 -4.22 -1.70 -1.36
CA VAL A 45 -4.40 -1.96 0.06
C VAL A 45 -4.93 -0.73 0.78
N ALA A 46 -4.66 0.44 0.22
CA ALA A 46 -5.11 1.71 0.79
C ALA A 46 -6.63 1.74 0.93
N ASP A 47 -7.31 0.98 0.09
CA ASP A 47 -8.76 0.93 0.16
C ASP A 47 -9.27 0.61 1.55
N ARG A 48 -8.38 0.10 2.41
CA ARG A 48 -8.76 -0.23 3.77
C ARG A 48 -8.66 0.95 4.72
N ILE A 49 -7.58 1.72 4.60
CA ILE A 49 -7.42 2.88 5.47
C ILE A 49 -8.27 4.05 4.95
N GLY A 50 -8.55 4.05 3.64
CA GLY A 50 -9.36 5.13 3.11
C GLY A 50 -10.67 5.12 3.85
N PHE A 51 -11.41 4.03 3.68
CA PHE A 51 -12.72 3.80 4.32
C PHE A 51 -12.64 3.78 5.84
N SER A 52 -11.63 3.09 6.35
CA SER A 52 -11.44 2.96 7.78
C SER A 52 -11.45 4.31 8.47
N MET A 53 -10.58 5.20 8.03
CA MET A 53 -10.46 6.53 8.61
C MET A 53 -11.77 7.32 8.53
N ILE A 54 -12.48 7.20 7.41
CA ILE A 54 -13.74 7.88 7.25
C ILE A 54 -14.75 7.21 8.19
N SER A 55 -15.00 5.93 7.96
CA SER A 55 -15.95 5.19 8.79
C SER A 55 -15.76 5.55 10.24
N ASP A 56 -14.50 5.64 10.66
CA ASP A 56 -14.17 5.94 12.05
C ASP A 56 -14.56 7.34 12.49
N ALA A 57 -14.08 8.35 11.79
CA ALA A 57 -14.44 9.71 12.13
C ALA A 57 -15.96 9.85 12.07
N GLU A 58 -16.63 8.96 11.35
CA GLU A 58 -18.08 9.02 11.27
C GLU A 58 -18.73 8.50 12.52
N LYS A 59 -18.34 7.29 12.93
CA LYS A 59 -18.88 6.68 14.14
C LYS A 59 -18.60 7.57 15.33
N LYS A 60 -17.42 8.18 15.36
CA LYS A 60 -17.03 9.07 16.44
C LYS A 60 -17.85 10.36 16.41
N GLY A 61 -18.55 10.60 15.32
CA GLY A 61 -19.37 11.79 15.21
C GLY A 61 -18.59 13.06 14.88
N LEU A 62 -17.37 12.91 14.37
CA LEU A 62 -16.54 14.06 14.04
C LEU A 62 -16.84 14.61 12.62
N ILE A 63 -17.49 13.80 11.78
CA ILE A 63 -17.84 14.22 10.43
C ILE A 63 -19.19 13.68 9.94
N LYS A 64 -19.77 14.38 8.98
CA LYS A 64 -21.05 13.99 8.40
C LYS A 64 -21.13 14.42 6.93
N PRO A 65 -21.53 13.49 6.04
CA PRO A 65 -21.67 13.66 4.59
C PRO A 65 -22.04 15.05 4.12
N GLY A 66 -21.23 15.60 3.21
CA GLY A 66 -21.51 16.92 2.68
C GLY A 66 -21.30 18.02 3.71
N GLU A 67 -21.64 17.73 4.95
CA GLU A 67 -21.48 18.69 6.05
C GLU A 67 -19.98 18.87 6.32
N SER A 68 -19.24 17.76 6.40
CA SER A 68 -17.81 17.81 6.61
C SER A 68 -17.08 17.91 5.26
N VAL A 69 -15.81 18.32 5.30
CA VAL A 69 -15.05 18.46 4.06
C VAL A 69 -13.67 17.83 4.19
N LEU A 70 -13.60 16.53 3.91
CA LEU A 70 -12.34 15.81 3.99
C LEU A 70 -11.22 16.45 3.15
N ILE A 71 -10.01 16.40 3.69
CA ILE A 71 -8.84 16.97 3.04
C ILE A 71 -7.76 15.95 3.34
N GLU A 72 -6.69 15.93 2.56
CA GLU A 72 -5.63 14.96 2.80
C GLU A 72 -4.43 15.06 1.86
N PRO A 73 -3.22 15.12 2.41
CA PRO A 73 -2.00 15.21 1.61
C PRO A 73 -1.50 13.82 1.24
N THR A 74 -1.37 13.59 -0.06
CA THR A 74 -0.89 12.32 -0.56
C THR A 74 -0.88 12.36 -2.07
N SER A 75 0.04 11.58 -2.64
CA SER A 75 0.16 11.50 -4.10
C SER A 75 -0.06 10.04 -4.50
N GLY A 76 -0.05 9.16 -3.49
CA GLY A 76 -0.25 7.73 -3.72
C GLY A 76 -1.70 7.25 -3.81
N ASN A 77 -1.87 5.95 -3.60
CA ASN A 77 -3.19 5.32 -3.67
C ASN A 77 -4.24 5.69 -2.60
N THR A 78 -3.83 6.08 -1.40
CA THR A 78 -4.83 6.43 -0.39
C THR A 78 -5.73 7.53 -0.94
N GLY A 79 -5.25 8.25 -1.95
CA GLY A 79 -6.07 9.27 -2.56
C GLY A 79 -7.25 8.57 -3.20
N VAL A 80 -6.96 7.46 -3.89
CA VAL A 80 -7.99 6.68 -4.55
C VAL A 80 -8.83 5.90 -3.51
N GLY A 81 -8.17 5.27 -2.55
CA GLY A 81 -8.89 4.54 -1.51
C GLY A 81 -9.91 5.43 -0.82
N LEU A 82 -9.56 6.70 -0.68
CA LEU A 82 -10.42 7.71 -0.04
C LEU A 82 -11.42 8.24 -1.04
N ALA A 83 -10.93 8.47 -2.24
CA ALA A 83 -11.73 8.99 -3.33
C ALA A 83 -13.01 8.24 -3.59
N PHE A 84 -12.95 6.92 -3.63
CA PHE A 84 -14.15 6.15 -3.92
C PHE A 84 -15.01 5.97 -2.69
N THR A 85 -14.39 6.09 -1.51
CA THR A 85 -15.13 5.94 -0.25
C THR A 85 -15.91 7.22 -0.02
N ALA A 86 -15.31 8.35 -0.38
CA ALA A 86 -15.96 9.64 -0.22
C ALA A 86 -17.05 9.70 -1.26
N ALA A 87 -16.78 9.06 -2.39
CA ALA A 87 -17.72 9.02 -3.50
C ALA A 87 -19.07 8.40 -3.14
N ALA A 88 -19.04 7.20 -2.59
CA ALA A 88 -20.26 6.47 -2.22
C ALA A 88 -20.94 7.02 -0.99
N LYS A 89 -20.15 7.66 -0.12
CA LYS A 89 -20.69 8.22 1.11
C LYS A 89 -20.97 9.71 1.02
N GLY A 90 -20.89 10.27 -0.18
CA GLY A 90 -21.15 11.68 -0.37
C GLY A 90 -20.34 12.62 0.50
N TYR A 91 -19.05 12.70 0.20
CA TYR A 91 -18.12 13.54 0.94
C TYR A 91 -17.36 14.42 -0.04
N LYS A 92 -17.30 15.72 0.22
CA LYS A 92 -16.51 16.55 -0.67
C LYS A 92 -15.09 16.18 -0.28
N LEU A 93 -14.24 15.91 -1.26
CA LEU A 93 -12.86 15.54 -0.94
C LEU A 93 -11.87 16.44 -1.67
N ILE A 94 -10.72 16.64 -1.04
CA ILE A 94 -9.68 17.46 -1.63
C ILE A 94 -8.35 16.80 -1.34
N ILE A 95 -7.68 16.34 -2.39
CA ILE A 95 -6.39 15.68 -2.22
C ILE A 95 -5.31 16.58 -2.79
N THR A 96 -4.37 16.99 -1.94
CA THR A 96 -3.30 17.86 -2.37
C THR A 96 -2.11 17.05 -2.82
N MET A 97 -1.55 17.45 -3.96
CA MET A 97 -0.39 16.81 -4.53
C MET A 97 0.23 17.72 -5.57
N PRO A 98 1.57 17.74 -5.65
CA PRO A 98 2.25 18.60 -6.62
C PRO A 98 1.75 18.33 -8.05
N ALA A 99 1.91 19.32 -8.92
CA ALA A 99 1.51 19.22 -10.32
C ALA A 99 2.39 18.18 -11.04
N SER A 100 3.32 17.58 -10.30
CA SER A 100 4.24 16.59 -10.85
C SER A 100 3.59 15.25 -11.19
N MET A 101 2.97 14.61 -10.19
CA MET A 101 2.33 13.32 -10.39
C MET A 101 1.59 13.23 -11.70
N SER A 102 1.78 12.11 -12.39
CA SER A 102 1.16 11.87 -13.68
C SER A 102 -0.26 12.45 -13.83
N THR A 103 -0.63 12.75 -15.08
CA THR A 103 -1.95 13.32 -15.38
C THR A 103 -3.02 12.25 -15.16
N GLU A 104 -2.59 10.98 -15.16
CA GLU A 104 -3.49 9.84 -14.97
C GLU A 104 -3.95 9.72 -13.52
N ARG A 105 -3.02 9.90 -12.60
CA ARG A 105 -3.36 9.81 -11.19
C ARG A 105 -4.22 11.00 -10.83
N ARG A 106 -4.30 11.94 -11.77
CA ARG A 106 -5.09 13.15 -11.61
C ARG A 106 -6.48 12.84 -12.17
N ILE A 107 -6.52 12.08 -13.27
CA ILE A 107 -7.79 11.71 -13.91
C ILE A 107 -8.62 10.85 -12.95
N ILE A 108 -8.01 9.75 -12.51
CA ILE A 108 -8.62 8.80 -11.61
C ILE A 108 -9.34 9.40 -10.40
N LEU A 109 -8.80 10.49 -9.86
CA LEU A 109 -9.41 11.15 -8.71
C LEU A 109 -10.46 12.12 -9.18
N LEU A 110 -10.21 12.73 -10.34
CA LEU A 110 -11.16 13.67 -10.90
C LEU A 110 -12.40 12.84 -11.22
N ALA A 111 -12.15 11.64 -11.72
CA ALA A 111 -13.21 10.71 -12.09
C ALA A 111 -14.09 10.42 -10.89
N PHE A 112 -13.55 10.59 -9.69
CA PHE A 112 -14.30 10.34 -8.46
C PHE A 112 -14.84 11.63 -7.85
N GLY A 113 -14.66 12.71 -8.59
CA GLY A 113 -15.13 14.01 -8.14
C GLY A 113 -14.25 14.59 -7.06
N VAL A 114 -13.04 14.07 -6.98
CA VAL A 114 -12.08 14.54 -6.00
C VAL A 114 -11.58 15.90 -6.42
N GLU A 115 -11.82 16.91 -5.57
CA GLU A 115 -11.36 18.26 -5.87
C GLU A 115 -9.86 18.34 -5.66
N LEU A 116 -9.13 17.73 -6.57
CA LEU A 116 -7.69 17.69 -6.51
C LEU A 116 -7.11 19.09 -6.62
N VAL A 117 -6.18 19.42 -5.73
CA VAL A 117 -5.53 20.72 -5.73
C VAL A 117 -4.03 20.50 -5.89
N LEU A 118 -3.47 21.12 -6.92
CA LEU A 118 -2.05 20.99 -7.22
C LEU A 118 -1.23 22.08 -6.53
N THR A 119 0.00 21.73 -6.17
CA THR A 119 0.90 22.68 -5.51
C THR A 119 2.23 22.74 -6.27
N ASP A 120 3.18 23.50 -5.74
CA ASP A 120 4.47 23.61 -6.38
C ASP A 120 5.11 22.22 -6.45
N PRO A 121 5.38 21.75 -7.68
CA PRO A 121 5.98 20.44 -7.95
C PRO A 121 7.48 20.39 -7.61
N ALA A 122 7.97 21.40 -6.91
CA ALA A 122 9.38 21.48 -6.50
C ALA A 122 9.46 21.44 -4.99
N LYS A 123 8.35 21.77 -4.34
CA LYS A 123 8.27 21.77 -2.88
C LYS A 123 8.06 20.35 -2.36
N GLY A 124 7.68 19.43 -3.27
CA GLY A 124 7.45 18.04 -2.90
C GLY A 124 6.22 17.83 -2.04
N MET A 125 6.38 17.07 -0.95
CA MET A 125 5.29 16.78 -0.02
C MET A 125 4.94 18.00 0.83
N LYS A 126 5.97 18.73 1.24
CA LYS A 126 5.79 19.91 2.06
C LYS A 126 4.88 20.92 1.35
N GLY A 127 5.11 21.11 0.05
CA GLY A 127 4.28 22.02 -0.72
C GLY A 127 2.85 21.55 -0.73
N ALA A 128 2.68 20.24 -0.62
CA ALA A 128 1.36 19.63 -0.59
C ALA A 128 0.72 19.79 0.78
N ILE A 129 1.38 19.25 1.81
CA ILE A 129 0.86 19.35 3.17
C ILE A 129 0.60 20.81 3.55
N ALA A 130 1.49 21.71 3.14
CA ALA A 130 1.29 23.12 3.43
C ALA A 130 -0.13 23.44 2.96
N LYS A 131 -0.32 23.42 1.65
CA LYS A 131 -1.63 23.66 1.05
C LYS A 131 -2.68 22.87 1.83
N ALA A 132 -2.40 21.58 2.03
CA ALA A 132 -3.31 20.72 2.78
C ALA A 132 -3.66 21.40 4.08
N GLU A 133 -2.68 21.46 4.98
CA GLU A 133 -2.88 22.10 6.27
C GLU A 133 -3.55 23.45 6.07
N GLU A 134 -3.00 24.22 5.15
CA GLU A 134 -3.53 25.54 4.84
C GLU A 134 -5.04 25.45 4.61
N ILE A 135 -5.42 24.69 3.58
CA ILE A 135 -6.82 24.52 3.22
C ILE A 135 -7.67 24.12 4.42
N LEU A 136 -7.06 23.43 5.38
CA LEU A 136 -7.78 22.99 6.57
C LEU A 136 -8.08 24.15 7.51
N ALA A 137 -7.03 24.88 7.87
CA ALA A 137 -7.16 26.04 8.76
C ALA A 137 -8.08 27.05 8.09
N LYS A 138 -8.14 26.97 6.76
CA LYS A 138 -8.96 27.85 5.95
C LYS A 138 -10.43 27.41 5.89
N THR A 139 -10.66 26.13 5.70
CA THR A 139 -12.01 25.59 5.62
C THR A 139 -12.67 25.36 6.97
N PRO A 140 -13.86 25.94 7.18
CA PRO A 140 -14.63 25.83 8.41
C PRO A 140 -14.81 24.39 8.90
N ASN A 141 -15.40 23.56 8.05
CA ASN A 141 -15.65 22.16 8.37
C ASN A 141 -14.70 21.20 7.69
N GLY A 142 -13.49 21.67 7.39
CA GLY A 142 -12.49 20.83 6.76
C GLY A 142 -11.98 19.76 7.71
N TYR A 143 -11.53 18.64 7.17
CA TYR A 143 -11.02 17.54 8.01
C TYR A 143 -9.76 16.88 7.46
N MET A 144 -8.72 16.88 8.29
CA MET A 144 -7.44 16.31 7.93
C MET A 144 -7.37 14.88 8.46
N LEU A 145 -7.33 13.92 7.54
CA LEU A 145 -7.29 12.51 7.90
C LEU A 145 -5.96 12.06 8.47
N GLN A 146 -4.87 12.38 7.77
CA GLN A 146 -3.51 12.03 8.20
C GLN A 146 -3.31 10.52 8.33
N GLN A 147 -3.10 9.86 7.21
CA GLN A 147 -2.89 8.42 7.20
C GLN A 147 -1.71 7.99 8.03
N PHE A 148 -0.79 8.91 8.32
CA PHE A 148 0.39 8.56 9.12
C PHE A 148 0.17 8.72 10.61
N GLU A 149 -0.81 9.54 10.98
CA GLU A 149 -1.10 9.81 12.39
C GLU A 149 -2.32 9.05 12.89
N ASN A 150 -3.39 9.09 12.08
CA ASN A 150 -4.64 8.45 12.44
C ASN A 150 -4.45 6.98 12.80
N PRO A 151 -5.09 6.53 13.90
CA PRO A 151 -4.99 5.13 14.34
C PRO A 151 -5.91 4.16 13.63
N ALA A 152 -6.97 4.68 12.99
CA ALA A 152 -7.90 3.83 12.27
C ALA A 152 -7.06 3.04 11.28
N ASN A 153 -6.02 3.69 10.77
CA ASN A 153 -5.11 3.05 9.82
C ASN A 153 -4.74 1.62 10.30
N PRO A 154 -3.81 1.49 11.26
CA PRO A 154 -3.46 0.14 11.70
C PRO A 154 -4.61 -0.63 12.34
N LYS A 155 -5.60 0.11 12.83
CA LYS A 155 -6.73 -0.54 13.45
C LYS A 155 -7.34 -1.48 12.42
N ILE A 156 -7.84 -0.92 11.33
CA ILE A 156 -8.44 -1.71 10.27
C ILE A 156 -7.61 -2.99 10.00
N HIS A 157 -6.28 -2.86 9.96
CA HIS A 157 -5.41 -4.00 9.71
C HIS A 157 -5.41 -4.99 10.86
N TYR A 158 -5.71 -4.49 12.03
CA TYR A 158 -5.75 -5.33 13.22
C TYR A 158 -7.05 -6.11 13.23
N GLU A 159 -8.08 -5.59 12.56
CA GLU A 159 -9.39 -6.24 12.55
C GLU A 159 -9.71 -7.06 11.30
N THR A 160 -9.00 -6.83 10.21
CA THR A 160 -9.27 -7.58 9.00
C THR A 160 -8.04 -8.21 8.38
N THR A 161 -7.16 -7.40 7.80
CA THR A 161 -5.95 -7.93 7.18
C THR A 161 -5.34 -8.94 8.14
N GLY A 162 -5.08 -8.50 9.38
CA GLY A 162 -4.51 -9.39 10.36
C GLY A 162 -5.19 -10.75 10.32
N PRO A 163 -6.48 -10.84 10.70
CA PRO A 163 -7.30 -12.05 10.72
C PRO A 163 -7.34 -12.80 9.40
N GLU A 164 -7.64 -12.07 8.32
CA GLU A 164 -7.70 -12.65 7.00
C GLU A 164 -6.48 -13.51 6.72
N ILE A 165 -5.34 -13.00 7.12
CA ILE A 165 -4.09 -13.70 6.93
C ILE A 165 -4.02 -14.90 7.87
N TRP A 166 -4.35 -14.68 9.13
CA TRP A 166 -4.32 -15.76 10.09
C TRP A 166 -5.23 -16.88 9.63
N LYS A 167 -6.52 -16.57 9.55
CA LYS A 167 -7.51 -17.56 9.14
C LYS A 167 -7.19 -18.14 7.77
N GLY A 168 -6.45 -17.39 6.96
CA GLY A 168 -6.10 -17.87 5.63
C GLY A 168 -5.12 -19.01 5.70
N THR A 169 -3.98 -18.75 6.33
CA THR A 169 -2.96 -19.78 6.45
C THR A 169 -3.36 -20.83 7.49
N GLY A 170 -4.52 -20.64 8.10
CA GLY A 170 -4.98 -21.59 9.11
C GLY A 170 -4.04 -21.67 10.30
N GLY A 171 -3.47 -20.53 10.69
CA GLY A 171 -2.58 -20.50 11.83
C GLY A 171 -1.15 -20.95 11.59
N LYS A 172 -0.90 -21.59 10.46
CA LYS A 172 0.44 -22.11 10.12
C LYS A 172 1.45 -21.04 9.69
N ILE A 173 0.99 -19.79 9.55
CA ILE A 173 1.87 -18.69 9.14
C ILE A 173 3.11 -18.65 10.03
N ASP A 174 4.27 -18.46 9.40
CA ASP A 174 5.53 -18.43 10.10
C ASP A 174 6.17 -17.06 10.09
N GLY A 175 5.85 -16.26 9.08
CA GLY A 175 6.43 -14.94 9.01
C GLY A 175 5.60 -14.00 8.18
N PHE A 176 5.50 -12.75 8.61
CA PHE A 176 4.74 -11.75 7.89
C PHE A 176 5.67 -10.72 7.27
N VAL A 177 5.68 -10.65 5.94
CA VAL A 177 6.54 -9.71 5.20
C VAL A 177 5.73 -8.54 4.64
N SER A 178 6.10 -7.32 5.02
CA SER A 178 5.39 -6.14 4.54
C SER A 178 6.28 -4.94 4.28
N GLY A 179 5.98 -4.22 3.21
CA GLY A 179 6.73 -3.01 2.89
C GLY A 179 6.15 -1.90 3.74
N ILE A 180 7.01 -1.04 4.29
CA ILE A 180 6.53 0.03 5.17
C ILE A 180 6.31 1.39 4.54
N GLY A 181 5.05 1.75 4.40
CA GLY A 181 4.67 3.04 3.85
C GLY A 181 4.29 3.90 5.04
N THR A 182 3.04 3.79 5.50
CA THR A 182 2.63 4.55 6.70
C THR A 182 2.96 3.65 7.89
N GLY A 183 3.30 2.40 7.59
CA GLY A 183 3.63 1.47 8.65
C GLY A 183 2.36 0.89 9.25
N GLY A 184 1.22 1.39 8.77
CA GLY A 184 -0.07 0.92 9.25
C GLY A 184 -0.30 -0.58 9.13
N THR A 185 -0.06 -1.13 7.95
CA THR A 185 -0.23 -2.55 7.70
C THR A 185 0.61 -3.45 8.59
N ILE A 186 1.92 -3.31 8.48
CA ILE A 186 2.86 -4.11 9.27
C ILE A 186 2.46 -4.14 10.75
N THR A 187 2.13 -2.97 11.28
CA THR A 187 1.74 -2.80 12.69
C THR A 187 0.37 -3.41 12.98
N GLY A 188 -0.69 -2.80 12.45
CA GLY A 188 -2.04 -3.32 12.67
C GLY A 188 -2.13 -4.82 12.51
N ALA A 189 -2.12 -5.30 11.27
CA ALA A 189 -2.19 -6.72 10.99
C ALA A 189 -1.09 -7.46 11.76
N GLY A 190 0.06 -6.81 11.91
CA GLY A 190 1.18 -7.43 12.61
C GLY A 190 0.89 -7.76 14.07
N LYS A 191 0.39 -6.78 14.81
CA LYS A 191 0.07 -6.95 16.22
C LYS A 191 -0.88 -8.12 16.46
N TYR A 192 -1.88 -8.25 15.60
CA TYR A 192 -2.88 -9.31 15.72
C TYR A 192 -2.33 -10.73 15.54
N LEU A 193 -1.36 -10.89 14.66
CA LEU A 193 -0.79 -12.21 14.45
C LEU A 193 0.06 -12.56 15.66
N LYS A 194 0.88 -11.61 16.09
CA LYS A 194 1.74 -11.83 17.25
C LYS A 194 0.86 -12.23 18.43
N GLU A 195 -0.33 -11.66 18.51
CA GLU A 195 -1.26 -11.99 19.59
C GLU A 195 -1.82 -13.40 19.47
N GLN A 196 -1.67 -14.01 18.29
CA GLN A 196 -2.17 -15.36 18.06
C GLN A 196 -1.01 -16.36 18.12
N ASN A 197 0.21 -15.83 18.09
CA ASN A 197 1.42 -16.63 18.12
C ASN A 197 2.60 -15.66 18.21
N ALA A 198 3.39 -15.75 19.29
CA ALA A 198 4.53 -14.85 19.48
C ALA A 198 5.76 -15.23 18.66
N ASN A 199 5.74 -16.44 18.11
CA ASN A 199 6.83 -16.93 17.29
C ASN A 199 6.73 -16.39 15.88
N VAL A 200 5.59 -15.77 15.57
CA VAL A 200 5.40 -15.20 14.26
C VAL A 200 6.40 -14.09 14.12
N LYS A 201 7.04 -14.00 12.96
CA LYS A 201 8.04 -12.98 12.72
C LYS A 201 7.57 -11.88 11.76
N LEU A 202 7.70 -10.63 12.19
CA LEU A 202 7.31 -9.51 11.35
C LEU A 202 8.57 -8.96 10.67
N TYR A 203 8.70 -9.21 9.38
CA TYR A 203 9.85 -8.72 8.64
C TYR A 203 9.49 -7.44 7.91
N GLY A 204 10.16 -6.35 8.27
CA GLY A 204 9.90 -5.07 7.63
C GLY A 204 10.76 -4.93 6.39
N VAL A 205 10.16 -4.39 5.34
CA VAL A 205 10.84 -4.19 4.07
C VAL A 205 10.89 -2.70 3.73
N GLU A 206 12.08 -2.21 3.35
CA GLU A 206 12.23 -0.81 2.96
C GLU A 206 13.35 -0.70 1.94
N PRO A 207 13.31 0.34 1.08
CA PRO A 207 14.29 0.61 0.02
C PRO A 207 15.74 0.64 0.49
N VAL A 208 16.60 -0.11 -0.18
CA VAL A 208 18.01 -0.14 0.17
C VAL A 208 18.56 1.28 0.06
N GLU A 209 17.99 2.05 -0.86
CA GLU A 209 18.42 3.42 -1.12
C GLU A 209 17.83 4.42 -0.15
N SER A 210 16.97 3.96 0.75
CA SER A 210 16.34 4.85 1.71
C SER A 210 16.00 4.06 2.98
N ALA A 211 16.92 3.18 3.37
CA ALA A 211 16.77 2.32 4.54
C ALA A 211 16.98 3.05 5.87
N ILE A 212 16.03 3.90 6.28
CA ILE A 212 16.21 4.65 7.52
C ILE A 212 16.18 3.82 8.80
N LEU A 213 15.39 2.75 8.79
CA LEU A 213 15.26 1.85 9.94
C LEU A 213 16.46 0.92 10.06
N SER A 214 17.38 1.05 9.11
CA SER A 214 18.59 0.23 9.06
C SER A 214 19.81 1.11 9.37
N GLY A 215 19.55 2.35 9.79
CA GLY A 215 20.62 3.27 10.10
C GLY A 215 20.93 4.15 8.91
N GLY A 216 20.47 3.75 7.74
CA GLY A 216 20.71 4.52 6.52
C GLY A 216 19.92 5.82 6.45
N LYS A 217 20.39 6.71 5.59
CA LYS A 217 19.76 8.02 5.40
C LYS A 217 18.72 8.02 4.29
N PRO A 218 17.59 8.73 4.50
CA PRO A 218 16.52 8.81 3.50
C PRO A 218 17.00 9.24 2.13
N GLY A 219 16.57 8.49 1.12
CA GLY A 219 16.94 8.81 -0.24
C GLY A 219 15.77 8.61 -1.19
N PRO A 220 15.90 9.04 -2.46
CA PRO A 220 14.79 8.85 -3.38
C PRO A 220 14.94 7.45 -3.94
N HIS A 221 13.82 6.85 -4.34
CA HIS A 221 13.84 5.50 -4.89
C HIS A 221 12.61 5.35 -5.75
N LYS A 222 12.56 4.27 -6.54
CA LYS A 222 11.42 4.02 -7.41
C LYS A 222 10.36 3.13 -6.78
N ILE A 223 10.71 2.45 -5.68
CA ILE A 223 9.75 1.58 -4.99
C ILE A 223 8.61 2.45 -4.48
N GLN A 224 7.71 2.81 -5.39
CA GLN A 224 6.56 3.66 -5.06
C GLN A 224 5.62 3.03 -4.03
N GLY A 225 5.33 3.78 -2.97
CA GLY A 225 4.44 3.27 -1.94
C GLY A 225 5.07 2.98 -0.59
N ILE A 226 6.39 2.96 -0.50
CA ILE A 226 7.02 2.71 0.79
C ILE A 226 8.32 3.52 0.91
N GLY A 227 8.93 3.50 2.09
CA GLY A 227 10.17 4.25 2.28
C GLY A 227 9.92 5.74 2.37
N ALA A 228 8.92 6.11 3.16
CA ALA A 228 8.56 7.50 3.33
C ALA A 228 9.73 8.34 3.85
N GLY A 229 10.86 7.71 4.11
CA GLY A 229 12.00 8.46 4.59
C GLY A 229 11.85 8.91 6.04
N PHE A 230 10.93 8.29 6.77
CA PHE A 230 10.74 8.63 8.18
C PHE A 230 9.82 7.65 8.93
N ILE A 231 9.77 7.78 10.25
CA ILE A 231 8.96 6.89 11.07
C ILE A 231 7.54 7.39 11.30
N PRO A 232 6.59 6.95 10.47
CA PRO A 232 5.20 7.40 10.66
C PRO A 232 4.84 7.17 12.11
N SER A 233 4.05 8.05 12.68
CA SER A 233 3.70 7.84 14.07
C SER A 233 2.98 6.50 14.23
N VAL A 234 2.12 6.14 13.28
CA VAL A 234 1.38 4.88 13.33
C VAL A 234 2.26 3.65 13.24
N LEU A 235 3.51 3.84 12.84
CA LEU A 235 4.44 2.72 12.74
C LEU A 235 4.99 2.46 14.14
N ASN A 236 4.90 1.21 14.55
CA ASN A 236 5.39 0.79 15.85
C ASN A 236 6.60 -0.09 15.61
N VAL A 237 7.74 0.52 15.29
CA VAL A 237 8.96 -0.24 15.00
C VAL A 237 9.35 -1.40 15.92
N ASP A 238 8.94 -1.33 17.18
CA ASP A 238 9.31 -2.37 18.13
C ASP A 238 8.76 -3.74 17.72
N LEU A 239 7.64 -3.74 17.00
CA LEU A 239 7.00 -4.97 16.54
C LEU A 239 7.83 -5.70 15.48
N ILE A 240 8.62 -4.94 14.72
CA ILE A 240 9.46 -5.51 13.68
C ILE A 240 10.58 -6.40 14.22
N ASP A 241 10.66 -7.61 13.70
CA ASP A 241 11.67 -8.57 14.12
C ASP A 241 12.93 -8.44 13.27
N GLU A 242 12.78 -7.96 12.04
CA GLU A 242 13.92 -7.75 11.14
C GLU A 242 13.55 -6.88 9.95
N VAL A 243 14.52 -6.12 9.45
CA VAL A 243 14.31 -5.26 8.29
C VAL A 243 15.20 -5.66 7.10
N VAL A 244 14.53 -6.20 6.09
CA VAL A 244 15.15 -6.64 4.85
C VAL A 244 15.11 -5.45 3.91
N GLN A 245 16.24 -5.17 3.28
CA GLN A 245 16.33 -4.05 2.34
C GLN A 245 16.42 -4.57 0.92
N VAL A 246 15.75 -3.90 0.00
CA VAL A 246 15.80 -4.30 -1.40
C VAL A 246 15.91 -3.06 -2.27
N SER A 247 16.68 -3.14 -3.35
CA SER A 247 16.88 -2.00 -4.25
C SER A 247 15.74 -1.82 -5.25
N SER A 248 15.62 -0.62 -5.78
CA SER A 248 14.58 -0.33 -6.76
C SER A 248 14.72 -1.31 -7.92
N ASP A 249 15.95 -1.74 -8.17
CA ASP A 249 16.19 -2.66 -9.27
C ASP A 249 15.65 -4.07 -9.03
N GLU A 250 15.99 -4.70 -7.91
CA GLU A 250 15.48 -6.05 -7.64
C GLU A 250 13.97 -5.95 -7.67
N SER A 251 13.46 -4.99 -6.91
CA SER A 251 12.03 -4.74 -6.81
C SER A 251 11.39 -4.76 -8.18
N ILE A 252 11.91 -3.92 -9.08
CA ILE A 252 11.41 -3.83 -10.45
C ILE A 252 11.46 -5.20 -11.12
N ASP A 253 12.68 -5.72 -11.27
CA ASP A 253 12.88 -7.02 -11.88
C ASP A 253 11.87 -8.03 -11.30
N MET A 254 11.87 -8.16 -9.98
CA MET A 254 10.98 -9.09 -9.33
C MET A 254 9.51 -8.86 -9.69
N ALA A 255 9.11 -7.59 -9.79
CA ALA A 255 7.73 -7.27 -10.13
C ALA A 255 7.45 -7.74 -11.53
N ARG A 256 8.50 -7.86 -12.33
CA ARG A 256 8.32 -8.31 -13.70
C ARG A 256 8.27 -9.83 -13.78
N GLN A 257 9.16 -10.51 -13.08
CA GLN A 257 9.15 -11.97 -13.09
C GLN A 257 7.78 -12.42 -12.64
N LEU A 258 7.25 -11.72 -11.65
CA LEU A 258 5.93 -12.02 -11.12
C LEU A 258 4.84 -12.04 -12.18
N ALA A 259 4.96 -11.14 -13.15
CA ALA A 259 3.98 -11.07 -14.22
C ALA A 259 4.16 -12.22 -15.20
N LEU A 260 5.40 -12.46 -15.61
CA LEU A 260 5.70 -13.51 -16.57
C LEU A 260 5.76 -14.93 -16.05
N LYS A 261 5.79 -15.12 -14.75
CA LYS A 261 5.90 -16.48 -14.25
C LYS A 261 4.76 -16.90 -13.36
N GLU A 262 4.01 -15.92 -12.88
CA GLU A 262 2.88 -16.21 -12.02
C GLU A 262 1.62 -15.62 -12.62
N GLY A 263 1.80 -14.69 -13.55
CA GLY A 263 0.63 -14.06 -14.15
C GLY A 263 0.02 -13.12 -13.13
N LEU A 264 0.87 -12.58 -12.26
CA LEU A 264 0.42 -11.64 -11.26
C LEU A 264 0.97 -10.31 -11.71
N LEU A 265 0.09 -9.46 -12.24
CA LEU A 265 0.50 -8.14 -12.71
C LEU A 265 0.49 -7.24 -11.48
N VAL A 266 1.69 -6.94 -10.96
CA VAL A 266 1.78 -6.13 -9.76
C VAL A 266 2.71 -4.92 -9.78
N GLY A 267 2.39 -3.95 -8.92
CA GLY A 267 3.21 -2.76 -8.80
C GLY A 267 4.58 -3.07 -8.22
N ILE A 268 5.51 -2.15 -8.43
CA ILE A 268 6.86 -2.33 -7.95
C ILE A 268 7.02 -2.58 -6.44
N SER A 269 6.06 -2.11 -5.63
CA SER A 269 6.14 -2.31 -4.17
C SER A 269 5.89 -3.76 -3.85
N SER A 270 5.08 -4.41 -4.69
CA SER A 270 4.74 -5.81 -4.49
C SER A 270 5.94 -6.68 -4.82
N GLY A 271 6.69 -6.28 -5.85
CA GLY A 271 7.86 -7.04 -6.25
C GLY A 271 8.84 -7.07 -5.11
N ALA A 272 9.13 -5.88 -4.56
CA ALA A 272 10.04 -5.71 -3.44
C ALA A 272 9.64 -6.59 -2.28
N ALA A 273 8.36 -6.56 -1.91
CA ALA A 273 7.86 -7.37 -0.80
C ALA A 273 8.11 -8.84 -1.12
N ALA A 274 8.02 -9.19 -2.40
CA ALA A 274 8.22 -10.57 -2.86
C ALA A 274 9.67 -11.01 -2.82
N ALA A 275 10.59 -10.16 -3.29
CA ALA A 275 12.00 -10.49 -3.28
C ALA A 275 12.32 -10.76 -1.81
N ALA A 276 11.99 -9.79 -0.97
CA ALA A 276 12.22 -9.92 0.46
C ALA A 276 11.79 -11.31 0.91
N ALA A 277 10.52 -11.65 0.68
CA ALA A 277 9.94 -12.93 1.08
C ALA A 277 10.66 -14.15 0.55
N ILE A 278 11.12 -14.09 -0.70
CA ILE A 278 11.82 -15.21 -1.28
C ILE A 278 13.19 -15.38 -0.65
N LYS A 279 13.92 -14.27 -0.49
CA LYS A 279 15.26 -14.31 0.13
C LYS A 279 15.20 -15.00 1.48
N LEU A 280 14.13 -14.71 2.22
CA LEU A 280 13.96 -15.30 3.54
C LEU A 280 13.67 -16.77 3.35
N ALA A 281 12.78 -17.07 2.41
CA ALA A 281 12.40 -18.45 2.16
C ALA A 281 13.58 -19.33 1.78
N GLN A 282 14.67 -18.71 1.37
CA GLN A 282 15.86 -19.46 0.95
C GLN A 282 16.88 -19.74 2.06
N ARG A 283 16.75 -19.02 3.17
CA ARG A 283 17.65 -19.24 4.28
C ARG A 283 17.36 -20.65 4.78
N PRO A 284 18.35 -21.55 4.65
CA PRO A 284 18.28 -22.94 5.07
C PRO A 284 17.40 -23.14 6.29
N GLU A 285 17.81 -22.51 7.38
CA GLU A 285 17.11 -22.59 8.66
C GLU A 285 15.60 -22.38 8.61
N ASN A 286 15.06 -21.99 7.44
CA ASN A 286 13.61 -21.78 7.32
C ASN A 286 12.87 -22.80 6.48
N ALA A 287 13.52 -23.91 6.14
CA ALA A 287 12.86 -24.92 5.35
C ALA A 287 11.53 -25.25 6.02
N GLY A 288 10.48 -25.33 5.20
CA GLY A 288 9.17 -25.66 5.72
C GLY A 288 8.33 -24.52 6.27
N LYS A 289 8.94 -23.38 6.54
CA LYS A 289 8.21 -22.22 7.09
C LYS A 289 7.34 -21.49 6.07
N LEU A 290 6.29 -20.87 6.57
CA LEU A 290 5.35 -20.15 5.72
C LEU A 290 5.40 -18.62 5.85
N PHE A 291 5.79 -17.94 4.77
CA PHE A 291 5.85 -16.49 4.81
C PHE A 291 4.70 -15.94 3.97
N VAL A 292 4.10 -14.86 4.48
CA VAL A 292 3.00 -14.22 3.79
C VAL A 292 3.44 -12.81 3.45
N ALA A 293 3.57 -12.53 2.16
CA ALA A 293 3.99 -11.21 1.71
C ALA A 293 2.81 -10.46 1.13
N ILE A 294 2.70 -9.19 1.50
CA ILE A 294 1.63 -8.34 1.01
C ILE A 294 1.99 -7.72 -0.34
N PHE A 295 1.14 -7.98 -1.33
CA PHE A 295 1.28 -7.41 -2.66
C PHE A 295 0.27 -6.25 -2.63
N PRO A 296 0.72 -5.06 -2.21
CA PRO A 296 -0.04 -3.82 -2.07
C PRO A 296 -0.88 -3.29 -3.25
N SER A 297 -0.45 -3.53 -4.49
CA SER A 297 -1.19 -2.97 -5.62
C SER A 297 -1.16 -3.75 -6.92
N PHE A 298 -2.07 -3.38 -7.84
CA PHE A 298 -2.13 -4.00 -9.16
C PHE A 298 -1.15 -3.22 -10.04
N GLY A 299 -0.58 -3.89 -11.03
CA GLY A 299 0.39 -3.23 -11.89
C GLY A 299 -0.14 -2.34 -12.99
N GLU A 300 -1.43 -2.42 -13.29
CA GLU A 300 -2.00 -1.60 -14.36
C GLU A 300 -1.97 -0.11 -14.05
N ARG A 301 -1.91 0.24 -12.77
CA ARG A 301 -1.89 1.62 -12.32
C ARG A 301 -0.45 2.12 -12.26
N TYR A 302 0.39 1.56 -13.12
CA TYR A 302 1.80 1.93 -13.15
C TYR A 302 2.33 1.89 -14.57
N LEU A 303 1.45 1.79 -15.55
CA LEU A 303 1.88 1.72 -16.94
C LEU A 303 2.71 2.95 -17.32
N SER A 304 2.47 4.05 -16.60
CA SER A 304 3.16 5.31 -16.82
C SER A 304 4.32 5.50 -15.85
N THR A 305 5.04 4.43 -15.54
CA THR A 305 6.15 4.54 -14.59
C THR A 305 7.37 3.73 -15.00
N VAL A 306 8.48 4.04 -14.35
CA VAL A 306 9.74 3.38 -14.60
C VAL A 306 9.54 1.87 -14.77
N LEU A 307 8.53 1.34 -14.10
CA LEU A 307 8.24 -0.09 -14.18
C LEU A 307 7.91 -0.60 -15.58
N PHE A 308 7.39 0.25 -16.44
CA PHE A 308 7.05 -0.19 -17.78
C PHE A 308 7.86 0.40 -18.92
N ASP A 309 8.73 1.35 -18.62
CA ASP A 309 9.56 1.97 -19.64
C ASP A 309 10.19 0.90 -20.52
N ALA A 310 10.74 -0.12 -19.88
CA ALA A 310 11.38 -1.20 -20.60
C ALA A 310 10.49 -1.69 -21.73
N THR A 311 9.50 -2.50 -21.39
CA THR A 311 8.58 -3.04 -22.38
C THR A 311 7.84 -1.96 -23.18
N ARG A 312 7.75 -0.76 -22.61
CA ARG A 312 7.06 0.34 -23.30
C ARG A 312 7.68 0.70 -24.64
N LYS A 313 9.02 0.63 -24.72
CA LYS A 313 9.70 0.93 -25.98
C LYS A 313 9.39 -0.22 -26.93
N GLU A 314 9.44 -1.44 -26.39
CA GLU A 314 9.13 -2.64 -27.15
C GLU A 314 7.76 -2.41 -27.84
N ALA A 315 7.01 -1.46 -27.31
CA ALA A 315 5.69 -1.12 -27.84
C ALA A 315 5.77 -0.13 -28.99
N GLU A 316 5.75 1.15 -28.66
CA GLU A 316 5.81 2.22 -29.65
C GLU A 316 6.77 1.86 -30.78
N ALA A 317 7.94 1.36 -30.41
CA ALA A 317 8.95 0.97 -31.38
C ALA A 317 8.43 0.00 -32.44
N MET A 318 8.14 -1.24 -32.04
CA MET A 318 7.66 -2.24 -32.96
C MET A 318 6.61 -1.69 -33.92
N THR A 319 6.88 -1.84 -35.22
CA THR A 319 5.97 -1.38 -36.27
C THR A 319 5.19 -2.58 -36.79
N PHE A 320 3.97 -2.33 -37.27
CA PHE A 320 3.10 -3.40 -37.74
C PHE A 320 3.60 -4.25 -38.91
N GLU A 321 3.10 -5.49 -38.96
CA GLU A 321 3.49 -6.45 -39.99
C GLU A 321 2.29 -6.75 -40.89
N ALA A 322 2.53 -6.94 -42.19
CA ALA A 322 1.44 -7.18 -43.16
C ALA A 322 1.48 -8.60 -43.78
#